data_7G1L
#
_entry.id   7G1L
#
_cell.length_a   32.478
_cell.length_b   53.852
_cell.length_c   75.220
_cell.angle_alpha   90.000
_cell.angle_beta   90.000
_cell.angle_gamma   90.000
#
_symmetry.space_group_name_H-M   'P 21 21 21'
#
loop_
_entity.id
_entity.type
_entity.pdbx_description
1 polymer 'Fatty acid-binding protein, adipocyte'
2 non-polymer 6-[(2H-1,3-benzodioxol-5-yl)methyl]-3-sulfanyl-1,2,4-triazin-5-ol
3 non-polymer 'SULFATE ION'
4 non-polymer 'FORMIC ACID'
5 water water
#
_entity_poly.entity_id   1
_entity_poly.type   'polypeptide(L)'
_entity_poly.pdbx_seq_one_letter_code
;GSHMCDAFVGTWKLVSSENFDDYMKEVGVGFATRKVAGMAKPNMIISVNGDVITIKSESTFKNTEISFILGQEFDEVTAD
DRKVKSTITLDGGVLVHVQKWDGKSTTIKRKREDDKLVVECVMKGVTSTRVYERA
;
_entity_poly.pdbx_strand_id   A
#
loop_
_chem_comp.id
_chem_comp.type
_chem_comp.name
_chem_comp.formula
FMT non-polymer 'FORMIC ACID' 'C H2 O2'
SO4 non-polymer 'SULFATE ION' 'O4 S -2'
WON non-polymer 6-[(2H-1,3-benzodioxol-5-yl)methyl]-3-sulfanyl-1,2,4-triazin-5-ol 'C11 H9 N3 O3 S'
#
# COMPACT_ATOMS: atom_id res chain seq x y z
N HIS A 3 19.16 6.04 -6.57
N HIS A 3 18.47 5.37 -5.16
CA HIS A 3 19.03 4.55 -6.61
CA HIS A 3 19.30 4.19 -5.52
C HIS A 3 18.30 4.25 -5.38
C HIS A 3 19.02 2.90 -4.74
N MET A 4 17.66 5.32 -4.92
N MET A 4 19.13 2.84 -3.43
CA MET A 4 16.67 5.21 -3.92
CA MET A 4 18.66 1.62 -2.75
C MET A 4 15.48 4.41 -4.48
C MET A 4 17.19 1.28 -3.09
N CYS A 5 15.37 3.26 -3.86
N CYS A 5 16.32 2.28 -3.22
CA CYS A 5 14.28 2.32 -4.06
CA CYS A 5 14.89 2.06 -3.57
C CYS A 5 14.44 1.45 -5.32
C CYS A 5 14.61 1.41 -4.98
N ASP A 6 15.66 1.27 -5.75
CA ASP A 6 15.77 0.51 -7.04
C ASP A 6 15.12 -0.83 -7.06
N ALA A 7 15.24 -1.56 -5.99
CA ALA A 7 14.76 -2.95 -5.94
C ALA A 7 13.25 -3.00 -5.83
N PHE A 8 12.57 -1.86 -5.55
CA PHE A 8 11.10 -1.80 -5.57
C PHE A 8 10.54 -1.47 -6.93
N VAL A 9 11.33 -0.86 -7.83
CA VAL A 9 10.81 -0.36 -9.07
C VAL A 9 10.38 -1.54 -9.97
N GLY A 10 9.21 -1.36 -10.61
CA GLY A 10 8.77 -2.33 -11.57
C GLY A 10 7.26 -2.48 -11.50
N THR A 11 6.81 -3.55 -12.14
CA THR A 11 5.39 -3.90 -12.23
C THR A 11 5.21 -5.22 -11.52
N TRP A 12 4.31 -5.24 -10.56
CA TRP A 12 4.14 -6.34 -9.63
C TRP A 12 2.69 -6.79 -9.66
N LYS A 13 2.43 -8.08 -9.47
CA LYS A 13 1.07 -8.63 -9.46
C LYS A 13 0.84 -9.37 -8.13
N LEU A 14 -0.37 -9.19 -7.56
CA LEU A 14 -0.73 -9.85 -6.32
C LEU A 14 -0.80 -11.36 -6.54
N VAL A 15 -0.12 -12.14 -5.70
CA VAL A 15 -0.18 -13.55 -5.76
C VAL A 15 -0.72 -14.24 -4.50
N SER A 16 -0.73 -13.60 -3.35
CA SER A 16 -1.36 -14.18 -2.16
C SER A 16 -1.80 -13.08 -1.24
N SER A 17 -2.80 -13.39 -0.44
CA SER A 17 -3.24 -12.48 0.61
C SER A 17 -3.68 -13.29 1.80
N GLU A 18 -3.40 -12.77 3.00
CA GLU A 18 -3.87 -13.35 4.21
C GLU A 18 -4.41 -12.28 5.12
N ASN A 19 -5.59 -12.55 5.68
CA ASN A 19 -6.23 -11.72 6.70
CA ASN A 19 -6.20 -11.76 6.75
C ASN A 19 -6.64 -10.36 6.26
N PHE A 20 -6.78 -10.12 4.95
CA PHE A 20 -7.13 -8.79 4.47
C PHE A 20 -8.54 -8.40 4.89
N ASP A 21 -9.47 -9.36 4.92
CA ASP A 21 -10.82 -9.02 5.38
C ASP A 21 -10.80 -8.50 6.81
N ASP A 22 -10.09 -9.17 7.68
CA ASP A 22 -10.01 -8.72 9.07
C ASP A 22 -9.31 -7.37 9.20
N TYR A 23 -8.26 -7.13 8.42
CA TYR A 23 -7.61 -5.82 8.40
C TYR A 23 -8.64 -4.74 7.98
N MET A 24 -9.35 -5.00 6.88
CA MET A 24 -10.33 -4.04 6.43
C MET A 24 -11.43 -3.80 7.47
N LYS A 25 -11.88 -4.84 8.17
CA LYS A 25 -12.84 -4.63 9.24
C LYS A 25 -12.26 -3.72 10.32
N GLU A 26 -11.02 -3.95 10.70
CA GLU A 26 -10.39 -3.15 11.76
C GLU A 26 -10.28 -1.68 11.32
N VAL A 27 -10.02 -1.40 10.05
CA VAL A 27 -9.95 -0.07 9.49
C VAL A 27 -11.30 0.61 9.44
N GLY A 28 -12.39 -0.14 9.40
CA GLY A 28 -13.75 0.42 9.30
C GLY A 28 -14.41 0.26 7.95
N VAL A 29 -13.89 -0.57 7.10
CA VAL A 29 -14.46 -0.75 5.75
C VAL A 29 -15.79 -1.51 5.88
N GLY A 30 -16.81 -1.08 5.17
CA GLY A 30 -18.10 -1.73 5.22
C GLY A 30 -18.17 -2.98 4.35
N PHE A 31 -19.26 -3.74 4.55
CA PHE A 31 -19.42 -5.07 3.97
C PHE A 31 -19.20 -5.06 2.46
N ALA A 32 -19.94 -4.22 1.72
CA ALA A 32 -19.90 -4.39 0.28
C ALA A 32 -18.51 -4.06 -0.27
N THR A 33 -17.90 -2.99 0.25
CA THR A 33 -16.53 -2.67 -0.16
C THR A 33 -15.58 -3.77 0.20
N ARG A 34 -15.69 -4.36 1.38
CA ARG A 34 -14.80 -5.46 1.72
C ARG A 34 -14.93 -6.61 0.73
N LYS A 35 -16.15 -6.95 0.35
CA LYS A 35 -16.31 -8.11 -0.55
C LYS A 35 -15.68 -7.81 -1.92
N VAL A 36 -15.98 -6.67 -2.49
CA VAL A 36 -15.45 -6.35 -3.82
CA VAL A 36 -15.46 -6.36 -3.83
C VAL A 36 -13.96 -6.07 -3.78
N ALA A 37 -13.48 -5.37 -2.78
CA ALA A 37 -12.05 -5.10 -2.66
C ALA A 37 -11.27 -6.39 -2.42
N GLY A 38 -11.83 -7.31 -1.66
CA GLY A 38 -11.14 -8.53 -1.31
C GLY A 38 -10.98 -9.46 -2.53
N MET A 39 -11.84 -9.33 -3.53
CA MET A 39 -11.70 -10.12 -4.75
C MET A 39 -10.57 -9.63 -5.66
N ALA A 40 -10.18 -8.36 -5.56
CA ALA A 40 -9.28 -7.79 -6.53
C ALA A 40 -7.93 -8.45 -6.51
N LYS A 41 -7.27 -8.47 -7.66
CA LYS A 41 -5.89 -8.95 -7.83
C LYS A 41 -5.10 -7.80 -8.44
N PRO A 42 -4.75 -6.80 -7.64
CA PRO A 42 -4.14 -5.59 -8.21
C PRO A 42 -2.75 -5.82 -8.82
N ASN A 43 -2.43 -4.96 -9.77
CA ASN A 43 -1.05 -4.75 -10.15
C ASN A 43 -0.56 -3.48 -9.50
N MET A 44 0.63 -3.53 -8.92
CA MET A 44 1.28 -2.41 -8.29
C MET A 44 2.45 -2.02 -9.18
N ILE A 45 2.49 -0.75 -9.54
CA ILE A 45 3.51 -0.25 -10.42
C ILE A 45 4.28 0.83 -9.69
N ILE A 46 5.57 0.63 -9.45
CA ILE A 46 6.40 1.52 -8.66
C ILE A 46 7.47 2.10 -9.58
N SER A 47 7.63 3.41 -9.52
CA SER A 47 8.65 4.11 -10.29
C SER A 47 9.24 5.23 -9.48
N VAL A 48 10.43 5.67 -9.88
CA VAL A 48 11.14 6.73 -9.19
C VAL A 48 11.67 7.69 -10.25
N ASN A 49 11.51 8.96 -10.00
CA ASN A 49 12.06 10.04 -10.87
C ASN A 49 12.62 11.09 -9.96
N GLY A 50 13.94 11.12 -9.83
CA GLY A 50 14.59 12.03 -8.87
C GLY A 50 14.19 11.63 -7.45
N ASP A 51 13.71 12.56 -6.65
CA ASP A 51 13.27 12.31 -5.31
C ASP A 51 11.80 11.86 -5.21
N VAL A 52 11.11 11.82 -6.35
CA VAL A 52 9.69 11.53 -6.30
C VAL A 52 9.44 10.04 -6.61
N ILE A 53 8.81 9.37 -5.67
CA ILE A 53 8.40 7.96 -5.83
C ILE A 53 6.92 7.96 -6.19
N THR A 54 6.55 7.12 -7.16
CA THR A 54 5.15 6.96 -7.55
C THR A 54 4.80 5.49 -7.38
N ILE A 55 3.66 5.24 -6.68
CA ILE A 55 3.09 3.90 -6.52
C ILE A 55 1.68 3.94 -7.08
N LYS A 56 1.45 3.20 -8.15
CA LYS A 56 0.12 3.01 -8.75
C LYS A 56 -0.40 1.64 -8.38
N SER A 57 -1.69 1.55 -8.16
CA SER A 57 -2.39 0.30 -8.05
C SER A 57 -3.49 0.25 -9.07
N GLU A 58 -3.45 -0.74 -9.89
CA GLU A 58 -4.49 -0.92 -10.86
C GLU A 58 -5.22 -2.20 -10.66
N SER A 59 -6.56 -2.12 -10.47
N SER A 59 -6.54 -2.08 -10.72
CA SER A 59 -7.37 -3.35 -10.34
CA SER A 59 -7.34 -3.06 -10.16
C SER A 59 -8.74 -3.10 -10.85
C SER A 59 -8.73 -3.03 -10.78
N THR A 60 -9.50 -4.19 -10.83
N THR A 60 -9.42 -4.17 -10.76
CA THR A 60 -10.88 -4.09 -11.20
CA THR A 60 -10.82 -4.24 -11.07
C THR A 60 -11.70 -3.43 -10.11
C THR A 60 -11.65 -3.41 -10.13
N PHE A 61 -11.20 -3.26 -8.89
CA PHE A 61 -11.93 -2.52 -7.84
C PHE A 61 -11.69 -1.02 -8.03
N LYS A 62 -10.47 -0.55 -7.88
CA LYS A 62 -10.14 0.83 -7.97
CA LYS A 62 -10.14 0.85 -7.97
C LYS A 62 -8.73 0.97 -8.53
N ASN A 63 -8.53 1.99 -9.28
CA ASN A 63 -7.19 2.42 -9.65
C ASN A 63 -6.80 3.58 -8.78
N THR A 64 -5.62 3.54 -8.21
CA THR A 64 -5.09 4.60 -7.38
C THR A 64 -3.67 4.94 -7.79
N GLU A 65 -3.25 6.16 -7.46
CA GLU A 65 -1.88 6.61 -7.73
C GLU A 65 -1.47 7.57 -6.60
N ILE A 66 -0.32 7.34 -6.00
CA ILE A 66 0.27 8.31 -5.09
C ILE A 66 1.69 8.61 -5.56
N SER A 67 2.07 9.89 -5.44
CA SER A 67 3.43 10.34 -5.65
C SER A 67 3.85 11.11 -4.42
N PHE A 68 5.11 10.93 -4.02
CA PHE A 68 5.55 11.46 -2.73
C PHE A 68 7.07 11.55 -2.68
N ILE A 69 7.53 12.37 -1.74
CA ILE A 69 8.92 12.47 -1.34
C ILE A 69 9.05 11.86 0.05
N LEU A 70 10.08 11.06 0.29
CA LEU A 70 10.22 10.43 1.59
C LEU A 70 10.28 11.50 2.69
N GLY A 71 9.55 11.26 3.77
CA GLY A 71 9.49 12.13 4.92
C GLY A 71 8.57 13.31 4.83
N GLN A 72 7.89 13.50 3.70
CA GLN A 72 7.10 14.69 3.44
C GLN A 72 5.61 14.33 3.33
N GLU A 73 4.82 14.81 4.27
CA GLU A 73 3.41 14.43 4.39
CA GLU A 73 3.40 14.41 4.40
C GLU A 73 2.64 14.82 3.14
N PHE A 74 1.66 14.03 2.80
CA PHE A 74 0.76 14.31 1.67
C PHE A 74 -0.66 13.82 1.95
N ASP A 75 -1.60 14.36 1.18
CA ASP A 75 -2.97 13.93 1.36
CA ASP A 75 -3.00 13.92 1.10
C ASP A 75 -3.18 12.74 0.28
N GLU A 76 -3.97 11.74 0.76
CA GLU A 76 -4.23 10.55 0.02
C GLU A 76 -5.75 10.21 0.20
N VAL A 77 -6.42 9.90 -0.89
CA VAL A 77 -7.75 9.29 -0.82
C VAL A 77 -7.56 7.82 -1.10
N THR A 78 -7.81 6.96 -0.15
CA THR A 78 -7.52 5.53 -0.28
C THR A 78 -8.59 4.87 -1.16
N ALA A 79 -8.34 3.62 -1.53
CA ALA A 79 -9.26 2.90 -2.43
C ALA A 79 -10.64 2.73 -1.78
N ASP A 80 -10.67 2.56 -0.47
CA ASP A 80 -11.88 2.51 0.33
C ASP A 80 -12.46 3.88 0.74
N ASP A 81 -11.96 4.95 0.16
CA ASP A 81 -12.52 6.27 0.31
CA ASP A 81 -12.49 6.28 0.26
C ASP A 81 -12.28 6.93 1.63
N ARG A 82 -11.20 6.57 2.31
CA ARG A 82 -10.79 7.41 3.45
C ARG A 82 -9.95 8.56 2.91
N LYS A 83 -10.09 9.72 3.56
CA LYS A 83 -9.28 10.91 3.29
CA LYS A 83 -9.23 10.88 3.26
C LYS A 83 -8.23 10.93 4.41
N VAL A 84 -6.97 10.56 4.07
CA VAL A 84 -5.95 10.40 5.06
C VAL A 84 -4.79 11.35 4.80
N LYS A 85 -4.01 11.54 5.87
CA LYS A 85 -2.71 12.23 5.76
CA LYS A 85 -2.70 12.24 5.82
C LYS A 85 -1.63 11.19 5.93
N SER A 86 -0.77 11.09 4.92
CA SER A 86 0.21 10.01 4.79
C SER A 86 1.61 10.55 4.85
N THR A 87 2.50 9.76 5.47
CA THR A 87 3.94 10.00 5.43
C THR A 87 4.64 8.71 5.20
N ILE A 88 5.56 8.67 4.25
CA ILE A 88 6.29 7.46 3.88
C ILE A 88 7.77 7.75 4.09
N THR A 89 8.43 6.84 4.79
CA THR A 89 9.88 6.89 5.02
C THR A 89 10.52 5.55 4.64
N LEU A 90 11.83 5.55 4.57
CA LEU A 90 12.60 4.31 4.37
CA LEU A 90 12.63 4.29 4.42
C LEU A 90 13.28 4.00 5.75
N ASP A 91 13.06 2.81 6.29
CA ASP A 91 13.63 2.40 7.59
C ASP A 91 14.34 1.14 7.31
N GLY A 92 15.67 1.19 7.30
CA GLY A 92 16.39 -0.03 7.05
C GLY A 92 15.97 -0.84 5.84
N GLY A 93 15.80 -0.11 4.78
CA GLY A 93 15.41 -0.76 3.48
C GLY A 93 13.90 -1.13 3.28
N VAL A 94 13.08 -0.81 4.26
CA VAL A 94 11.62 -1.01 4.26
C VAL A 94 10.94 0.30 4.06
N LEU A 95 9.99 0.37 3.09
CA LEU A 95 9.16 1.56 2.96
C LEU A 95 8.06 1.46 4.06
N VAL A 96 7.98 2.49 4.89
CA VAL A 96 7.03 2.53 6.01
C VAL A 96 6.06 3.68 5.75
N HIS A 97 4.80 3.34 5.56
CA HIS A 97 3.74 4.27 5.16
C HIS A 97 2.71 4.37 6.26
N VAL A 98 2.61 5.53 6.90
CA VAL A 98 1.67 5.75 8.00
C VAL A 98 0.55 6.62 7.46
N GLN A 99 -0.71 6.19 7.66
CA GLN A 99 -1.91 6.93 7.29
C GLN A 99 -2.66 7.31 8.54
N LYS A 100 -3.00 8.61 8.66
CA LYS A 100 -3.74 9.19 9.77
C LYS A 100 -5.06 9.75 9.30
N TRP A 101 -6.14 9.43 10.02
CA TRP A 101 -7.47 9.99 9.71
C TRP A 101 -8.40 9.78 10.87
N ASP A 102 -9.21 10.77 11.19
CA ASP A 102 -10.26 10.61 12.21
C ASP A 102 -9.71 10.10 13.54
N GLY A 103 -8.54 10.57 13.90
CA GLY A 103 -7.86 10.13 15.10
C GLY A 103 -7.30 8.72 15.14
N LYS A 104 -7.36 8.04 14.01
CA LYS A 104 -6.89 6.68 13.83
C LYS A 104 -5.57 6.67 13.05
N SER A 105 -4.94 5.50 13.03
CA SER A 105 -3.66 5.33 12.32
C SER A 105 -3.54 3.90 11.85
N THR A 106 -3.00 3.70 10.65
CA THR A 106 -2.61 2.40 10.12
C THR A 106 -1.24 2.53 9.47
N THR A 107 -0.47 1.46 9.53
CA THR A 107 0.87 1.42 8.96
C THR A 107 0.98 0.29 7.95
N ILE A 108 1.50 0.64 6.78
CA ILE A 108 1.73 -0.29 5.68
C ILE A 108 3.22 -0.36 5.42
N LYS A 109 3.81 -1.53 5.54
CA LYS A 109 5.21 -1.73 5.27
C LYS A 109 5.40 -2.52 3.99
N ARG A 110 6.32 -2.09 3.13
CA ARG A 110 6.58 -2.73 1.84
C ARG A 110 8.06 -3.08 1.83
N LYS A 111 8.40 -4.33 1.55
CA LYS A 111 9.80 -4.77 1.57
C LYS A 111 10.01 -5.79 0.45
N ARG A 112 11.27 -5.88 0.04
CA ARG A 112 11.67 -6.89 -0.89
C ARG A 112 12.20 -8.08 -0.14
N GLU A 113 11.67 -9.25 -0.49
CA GLU A 113 12.08 -10.52 0.17
CA GLU A 113 12.08 -10.51 0.18
C GLU A 113 12.19 -11.55 -0.96
N ASP A 114 13.41 -12.04 -1.21
CA ASP A 114 13.64 -12.91 -2.35
C ASP A 114 13.16 -12.20 -3.59
N ASP A 115 12.38 -12.85 -4.49
CA ASP A 115 11.86 -12.22 -5.68
C ASP A 115 10.49 -11.63 -5.44
N LYS A 116 10.06 -11.50 -4.21
CA LYS A 116 8.72 -10.96 -3.88
C LYS A 116 8.86 -9.53 -3.35
N LEU A 117 7.71 -8.83 -3.44
CA LEU A 117 7.47 -7.63 -2.71
C LEU A 117 6.36 -7.93 -1.75
N VAL A 118 6.65 -7.85 -0.44
CA VAL A 118 5.75 -8.19 0.61
C VAL A 118 5.19 -6.92 1.24
N VAL A 119 3.86 -6.89 1.35
CA VAL A 119 3.15 -5.74 1.92
C VAL A 119 2.48 -6.19 3.21
N GLU A 120 2.83 -5.58 4.32
CA GLU A 120 2.24 -5.90 5.64
C GLU A 120 1.47 -4.67 6.09
N CYS A 121 0.18 -4.86 6.31
CA CYS A 121 -0.77 -3.81 6.66
CA CYS A 121 -0.57 -3.73 6.84
C CYS A 121 -1.19 -4.06 8.13
N VAL A 122 -1.06 -3.08 9.01
CA VAL A 122 -1.36 -3.27 10.42
C VAL A 122 -2.30 -2.19 10.89
N MET A 123 -3.36 -2.62 11.55
CA MET A 123 -4.35 -1.73 12.20
C MET A 123 -4.52 -2.34 13.60
N LYS A 124 -4.06 -1.59 14.62
CA LYS A 124 -4.09 -2.06 16.00
C LYS A 124 -3.39 -3.41 16.03
N GLY A 125 -4.03 -4.44 16.52
CA GLY A 125 -3.46 -5.76 16.66
C GLY A 125 -3.61 -6.65 15.42
N VAL A 126 -4.20 -6.14 14.34
CA VAL A 126 -4.52 -6.98 13.19
C VAL A 126 -3.58 -6.69 12.03
N THR A 127 -2.95 -7.74 11.52
CA THR A 127 -2.02 -7.67 10.39
C THR A 127 -2.57 -8.43 9.23
N SER A 128 -2.42 -7.88 8.04
CA SER A 128 -2.63 -8.59 6.76
C SER A 128 -1.34 -8.57 5.98
N THR A 129 -1.02 -9.71 5.36
CA THR A 129 0.15 -9.86 4.52
C THR A 129 -0.28 -10.13 3.10
N ARG A 130 0.21 -9.31 2.16
CA ARG A 130 -0.12 -9.38 0.73
C ARG A 130 1.17 -9.50 -0.03
N VAL A 131 1.32 -10.58 -0.81
CA VAL A 131 2.58 -10.88 -1.51
C VAL A 131 2.41 -10.65 -2.97
N TYR A 132 3.35 -9.91 -3.56
CA TYR A 132 3.41 -9.61 -4.98
C TYR A 132 4.65 -10.23 -5.61
N GLU A 133 4.52 -10.62 -6.87
CA GLU A 133 5.63 -11.13 -7.71
CA GLU A 133 5.72 -11.01 -7.64
C GLU A 133 5.76 -10.22 -8.92
N ARG A 134 6.88 -10.26 -9.63
CA ARG A 134 7.03 -9.46 -10.82
C ARG A 134 6.03 -9.91 -11.84
N ALA A 135 5.46 -8.96 -12.54
CA ALA A 135 4.48 -9.27 -13.58
C ALA A 135 5.18 -9.67 -14.85
C01 WON B . -7.63 -0.66 1.48
C02 WON B . -8.89 -1.21 1.42
C05 WON B . -9.41 -1.75 0.25
C07 WON B . -7.29 -1.23 -0.85
C10 WON B . -6.44 -1.20 -2.07
C11 WON B . -5.15 -1.96 -1.86
C17 WON B . -2.83 -3.36 -1.44
C03 WON B . -6.79 -0.63 0.35
O04 WON B . -7.40 -0.18 2.73
O06 WON B . -9.53 -1.12 2.64
C08 WON B . -8.54 -0.60 3.54
C09 WON B . -8.54 -1.80 -0.86
C12 WON B . -5.04 -3.35 -2.09
N13 WON B . -4.12 -1.34 -1.38
N14 WON B . -3.85 -4.01 -1.88
O15 WON B . -6.02 -4.02 -2.54
N16 WON B . -2.98 -2.03 -1.15
S18 WON B . -1.36 -4.07 -1.10
H20 WON B . -10.36 -2.21 0.22
H24 WON B . -6.21 -0.17 -2.30
H25 WON B . -6.98 -1.63 -2.91
H19 WON B . -5.82 -0.21 0.40
H22 WON B . -8.95 0.24 4.08
H21 WON B . -8.23 -1.37 4.24
H23 WON B . -8.91 -2.19 -1.77
H26 WON B . -6.55 -4.49 -1.87
S SO4 C . 15.39 -8.54 -9.04
O1 SO4 C . 15.33 -9.58 -8.02
O2 SO4 C . 16.66 -8.53 -9.62
O3 SO4 C . 15.25 -7.19 -8.53
O4 SO4 C . 14.29 -8.77 -10.05
C FMT D . -0.52 2.16 13.70
O1 FMT D . -0.26 3.02 12.57
O2 FMT D . -0.70 0.79 13.17
S SO4 E . -8.04 -12.39 2.48
O1 SO4 E . -8.39 -12.02 1.05
O2 SO4 E . -6.71 -11.95 2.66
O3 SO4 E . -8.06 -13.88 2.64
O4 SO4 E . -9.16 -11.83 3.38
#